data_4WMT
#
_entry.id   4WMT
#
_cell.length_a   98.970
_cell.length_b   136.300
_cell.length_c   38.360
_cell.angle_alpha   90.000
_cell.angle_beta   90.000
_cell.angle_gamma   90.000
#
_symmetry.space_group_name_H-M   'P 21 21 2'
#
loop_
_entity.id
_entity.type
_entity.pdbx_description
1 polymer 'MBP-MCL1 chimera protein'
2 branched alpha-D-glucopyranose-(1-4)-alpha-D-glucopyranose
3 non-polymer '7-[2-(1H-imidazol-1-yl)-4-methylpyridin-3-yl]-3-[3-(naphthalen-1-yloxy)propyl]-1-[2-oxo-2-(piperazin-1-yl)ethyl]-1H-indole-2-carboxylic acid'
4 non-polymer 1,2-ETHANEDIOL
5 non-polymer 'FORMIC ACID'
6 water water
#
_entity_poly.entity_id   1
_entity_poly.type   'polypeptide(L)'
_entity_poly.pdbx_seq_one_letter_code
;GKIEEGKLVIWINGDKGYNGLAEVGKKFEKDTGIKVTVEHPDKLEEKFPQVAATGDGPDIIFWAHDRFGGYAQSGLLAEI
TPDKAFQDKLYPFTWDAVRYNGKLIAYPIAVEALSLIYNKDLLPNPPKTWEEIPALDKELKAKGKSALMFNLQEPYFTWP
LIAADGGYAFKYENGKYDIKDVGVDNAGAKAGLTFLVDLIKNKHMNADTDYSIAEAAFNKGETAMTINGPWAWSNIDTSK
VNYGVTVLPTFKGQPSKPFVGVLSAGINAASPNKELAKEFLENYLLTDEGLEAVNKDKPLGAVALKSYEEELAKDPRIAA
TMENAQKGEIMPNIPQMSAFWYAVRTAVINAASGRQTVDEALKDAQTGSELYRQSLEIISRYLREQATGAADTAPMGASG
ATSRKALETLRRVGDGVQRNHETAFQGMLRKLDIKNEDDVKSLSRVMIHVFSDGVTNWGRIVTLISFGAFVAKHLKTINQ
ESCIEPLAESITDVLVRTKRDWLVKQRGWDGFVEFFHV
;
_entity_poly.pdbx_strand_id   A
#
# COMPACT_ATOMS: atom_id res chain seq x y z
N LYS A 2 -12.98 -8.04 23.22
CA LYS A 2 -11.94 -7.01 23.25
C LYS A 2 -12.53 -5.64 22.93
N ILE A 3 -12.98 -5.45 21.69
CA ILE A 3 -13.61 -4.19 21.29
C ILE A 3 -14.94 -4.00 22.02
N GLU A 4 -15.12 -2.81 22.58
CA GLU A 4 -16.28 -2.50 23.40
C GLU A 4 -17.57 -2.36 22.58
N GLU A 5 -18.65 -2.94 23.09
CA GLU A 5 -19.96 -2.82 22.44
C GLU A 5 -20.69 -1.57 22.95
N GLY A 6 -21.54 -0.99 22.09
CA GLY A 6 -22.34 0.15 22.48
C GLY A 6 -21.66 1.48 22.21
N LYS A 7 -20.62 1.46 21.38
CA LYS A 7 -19.91 2.67 21.02
C LYS A 7 -19.14 2.47 19.72
N LEU A 8 -18.77 3.57 19.06
CA LEU A 8 -17.99 3.50 17.83
C LEU A 8 -16.65 4.18 17.97
N VAL A 9 -15.58 3.43 17.71
CA VAL A 9 -14.23 4.00 17.68
C VAL A 9 -13.74 4.03 16.25
N ILE A 10 -13.23 5.19 15.83
CA ILE A 10 -12.84 5.41 14.45
C ILE A 10 -11.39 5.89 14.31
N TRP A 11 -10.66 5.31 13.36
CA TRP A 11 -9.31 5.76 13.04
C TRP A 11 -9.27 6.41 11.65
N ILE A 12 -8.63 7.57 11.56
CA ILE A 12 -8.45 8.27 10.31
C ILE A 12 -7.13 9.04 10.37
N ASN A 13 -6.49 9.26 9.24
CA ASN A 13 -5.15 9.86 9.23
C ASN A 13 -5.16 11.32 9.71
N GLY A 14 -4.04 11.74 10.29
CA GLY A 14 -3.93 13.06 10.89
C GLY A 14 -3.99 14.22 9.91
N ASP A 15 -3.95 13.93 8.62
CA ASP A 15 -4.01 14.98 7.60
C ASP A 15 -5.43 15.12 7.05
N LYS A 16 -6.34 14.29 7.55
CA LYS A 16 -7.72 14.33 7.10
C LYS A 16 -8.59 15.14 8.06
N GLY A 17 -9.79 15.49 7.62
CA GLY A 17 -10.68 16.30 8.43
C GLY A 17 -11.34 15.52 9.55
N TYR A 18 -10.57 15.20 10.60
CA TYR A 18 -11.06 14.37 11.68
C TYR A 18 -11.91 15.16 12.68
N ASN A 19 -11.76 16.48 12.70
CA ASN A 19 -12.65 17.29 13.53
C ASN A 19 -14.03 17.36 12.91
N GLY A 20 -14.07 17.42 11.57
CA GLY A 20 -15.33 17.38 10.85
C GLY A 20 -16.01 16.04 11.00
N LEU A 21 -15.22 14.97 11.01
CA LEU A 21 -15.75 13.62 11.17
C LEU A 21 -16.36 13.43 12.56
N ALA A 22 -15.67 13.96 13.57
CA ALA A 22 -16.15 13.87 14.95
C ALA A 22 -17.46 14.61 15.12
N GLU A 23 -17.65 15.64 14.30
CA GLU A 23 -18.86 16.44 14.34
C GLU A 23 -20.02 15.68 13.70
N VAL A 24 -19.70 14.81 12.75
CA VAL A 24 -20.68 13.88 12.21
C VAL A 24 -21.04 12.84 13.27
N GLY A 25 -20.04 12.46 14.06
CA GLY A 25 -20.23 11.51 15.14
C GLY A 25 -21.14 12.03 16.22
N LYS A 26 -21.14 13.35 16.42
CA LYS A 26 -21.99 13.98 17.42
C LYS A 26 -23.45 13.94 17.01
N LYS A 27 -23.69 14.13 15.72
CA LYS A 27 -25.04 14.04 15.16
C LYS A 27 -25.58 12.62 15.32
N PHE A 28 -24.70 11.65 15.12
CA PHE A 28 -25.03 10.24 15.34
C PHE A 28 -25.36 9.97 16.80
N GLU A 29 -24.62 10.62 17.70
CA GLU A 29 -24.87 10.48 19.14
C GLU A 29 -26.19 11.12 19.53
N LYS A 30 -26.49 12.27 18.93
CA LYS A 30 -27.73 13.00 19.23
C LYS A 30 -28.95 12.18 18.84
N ASP A 31 -28.83 11.38 17.80
CA ASP A 31 -29.93 10.55 17.33
C ASP A 31 -30.04 9.24 18.10
N THR A 32 -28.89 8.65 18.42
CA THR A 32 -28.86 7.27 18.90
C THR A 32 -28.43 7.11 20.35
N GLY A 33 -27.71 8.09 20.88
CA GLY A 33 -27.19 7.99 22.23
C GLY A 33 -25.88 7.20 22.25
N ILE A 34 -25.34 6.96 21.08
CA ILE A 34 -24.07 6.25 20.95
C ILE A 34 -22.92 7.22 20.74
N LYS A 35 -21.97 7.21 21.67
CA LYS A 35 -20.80 8.08 21.56
C LYS A 35 -19.88 7.61 20.45
N VAL A 36 -19.36 8.56 19.67
CA VAL A 36 -18.43 8.25 18.60
C VAL A 36 -17.09 8.93 18.87
N THR A 37 -16.06 8.13 19.09
CA THR A 37 -14.73 8.66 19.35
C THR A 37 -13.84 8.54 18.11
N VAL A 38 -13.37 9.68 17.62
CA VAL A 38 -12.49 9.72 16.46
C VAL A 38 -11.06 9.95 16.91
N GLU A 39 -10.15 9.08 16.46
CA GLU A 39 -8.74 9.20 16.80
C GLU A 39 -7.90 9.22 15.53
N HIS A 40 -6.73 9.83 15.60
CA HIS A 40 -5.80 9.84 14.47
C HIS A 40 -4.38 9.46 14.86
N PRO A 41 -4.18 8.20 15.27
CA PRO A 41 -2.86 7.75 15.75
C PRO A 41 -1.81 7.73 14.66
N ASP A 42 -0.55 7.92 15.03
CA ASP A 42 0.55 7.84 14.09
C ASP A 42 0.67 6.45 13.48
N LYS A 43 0.95 6.41 12.18
CA LYS A 43 1.16 5.15 11.46
C LYS A 43 0.01 4.15 11.66
N LEU A 44 -1.22 4.65 11.62
CA LEU A 44 -2.38 3.81 11.88
C LEU A 44 -2.51 2.70 10.85
N GLU A 45 -2.01 2.94 9.64
CA GLU A 45 -2.08 1.93 8.58
C GLU A 45 -1.17 0.75 8.90
N GLU A 46 -0.21 0.98 9.80
CA GLU A 46 0.67 -0.09 10.27
C GLU A 46 0.13 -0.69 11.56
N LYS A 47 -0.44 0.16 12.40
CA LYS A 47 -0.93 -0.28 13.70
C LYS A 47 -2.19 -1.14 13.58
N PHE A 48 -3.06 -0.81 12.62
CA PHE A 48 -4.33 -1.52 12.48
C PHE A 48 -4.19 -3.02 12.23
N PRO A 49 -3.37 -3.44 11.23
CA PRO A 49 -3.36 -4.89 10.98
C PRO A 49 -2.83 -5.72 12.15
N GLN A 50 -2.00 -5.12 13.01
CA GLN A 50 -1.43 -5.86 14.12
C GLN A 50 -2.39 -5.94 15.32
N VAL A 51 -3.14 -4.88 15.57
CA VAL A 51 -4.06 -4.86 16.71
C VAL A 51 -5.39 -5.53 16.38
N ALA A 52 -5.80 -5.44 15.13
CA ALA A 52 -7.06 -6.04 14.70
C ALA A 52 -6.93 -7.56 14.64
N ALA A 53 -5.73 -8.03 14.34
CA ALA A 53 -5.44 -9.46 14.28
C ALA A 53 -5.69 -10.13 15.63
N THR A 54 -5.51 -9.37 16.70
CA THR A 54 -5.70 -9.88 18.05
C THR A 54 -7.13 -9.61 18.56
N GLY A 55 -7.98 -9.12 17.66
CA GLY A 55 -9.37 -8.87 18.01
C GLY A 55 -9.61 -7.48 18.58
N ASP A 56 -8.59 -6.64 18.51
CA ASP A 56 -8.68 -5.28 19.06
C ASP A 56 -8.78 -4.23 17.95
N GLY A 57 -8.59 -2.96 18.33
CA GLY A 57 -8.57 -1.88 17.37
C GLY A 57 -9.88 -1.12 17.25
N PRO A 58 -9.99 -0.26 16.25
CA PRO A 58 -11.18 0.56 16.01
C PRO A 58 -12.32 -0.22 15.38
N ASP A 59 -13.55 0.24 15.56
CA ASP A 59 -14.69 -0.33 14.84
C ASP A 59 -14.56 -0.03 13.37
N ILE A 60 -14.11 1.19 13.07
CA ILE A 60 -13.95 1.66 11.70
C ILE A 60 -12.54 2.21 11.48
N ILE A 61 -11.93 1.85 10.35
CA ILE A 61 -10.64 2.43 9.98
C ILE A 61 -10.74 3.16 8.64
N PHE A 62 -10.21 4.38 8.57
CA PHE A 62 -10.14 5.13 7.34
C PHE A 62 -8.73 5.08 6.74
N TRP A 63 -8.67 4.75 5.45
CA TRP A 63 -7.42 4.85 4.69
C TRP A 63 -7.74 4.78 3.21
N ALA A 64 -6.77 5.11 2.37
CA ALA A 64 -6.90 4.89 0.94
C ALA A 64 -7.06 3.38 0.69
N HIS A 65 -7.74 3.04 -0.39
CA HIS A 65 -8.17 1.67 -0.65
C HIS A 65 -7.02 0.67 -0.84
N ASP A 66 -5.81 1.15 -1.10
CA ASP A 66 -4.71 0.27 -1.47
C ASP A 66 -4.30 -0.69 -0.36
N ARG A 67 -4.48 -0.28 0.89
CA ARG A 67 -4.08 -1.10 2.03
C ARG A 67 -5.15 -2.12 2.43
N PHE A 68 -6.33 -2.01 1.83
CA PHE A 68 -7.50 -2.74 2.33
C PHE A 68 -7.58 -4.19 1.87
N GLY A 69 -6.86 -4.53 0.80
CA GLY A 69 -6.83 -5.91 0.34
C GLY A 69 -6.06 -6.78 1.31
N GLY A 70 -4.93 -6.26 1.80
CA GLY A 70 -4.13 -6.96 2.79
C GLY A 70 -4.93 -7.23 4.05
N TYR A 71 -5.69 -6.23 4.49
CA TYR A 71 -6.53 -6.37 5.68
C TYR A 71 -7.58 -7.47 5.47
N ALA A 72 -8.27 -7.41 4.35
CA ALA A 72 -9.32 -8.37 4.01
C ALA A 72 -8.74 -9.78 3.90
N GLN A 73 -7.59 -9.88 3.23
CA GLN A 73 -6.92 -11.17 3.08
C GLN A 73 -6.55 -11.76 4.44
N SER A 74 -6.32 -10.88 5.41
CA SER A 74 -5.96 -11.31 6.76
C SER A 74 -7.20 -11.56 7.60
N GLY A 75 -8.37 -11.36 7.01
CA GLY A 75 -9.63 -11.57 7.70
C GLY A 75 -9.93 -10.50 8.73
N LEU A 76 -9.43 -9.29 8.48
CA LEU A 76 -9.56 -8.19 9.43
C LEU A 76 -10.74 -7.28 9.11
N LEU A 77 -11.29 -7.43 7.92
CA LEU A 77 -12.40 -6.59 7.49
C LEU A 77 -13.71 -7.36 7.38
N ALA A 78 -14.79 -6.73 7.85
CA ALA A 78 -16.11 -7.29 7.69
C ALA A 78 -16.62 -7.03 6.27
N GLU A 79 -17.26 -8.01 5.67
CA GLU A 79 -17.88 -7.81 4.37
C GLU A 79 -19.06 -6.86 4.51
N ILE A 80 -19.07 -5.80 3.71
CA ILE A 80 -20.17 -4.86 3.75
C ILE A 80 -21.16 -5.15 2.63
N THR A 81 -22.45 -5.01 2.96
CA THR A 81 -23.51 -5.38 2.02
C THR A 81 -24.59 -4.31 1.92
N PRO A 82 -24.28 -3.19 1.25
CA PRO A 82 -25.29 -2.15 1.06
C PRO A 82 -26.35 -2.59 0.06
N ASP A 83 -27.59 -2.17 0.26
CA ASP A 83 -28.65 -2.49 -0.70
C ASP A 83 -28.42 -1.70 -1.98
N LYS A 84 -29.19 -2.03 -3.02
CA LYS A 84 -29.04 -1.37 -4.31
C LYS A 84 -29.24 0.13 -4.22
N ALA A 85 -30.25 0.53 -3.44
CA ALA A 85 -30.61 1.94 -3.30
C ALA A 85 -29.44 2.79 -2.82
N PHE A 86 -28.63 2.24 -1.92
CA PHE A 86 -27.48 2.96 -1.41
C PHE A 86 -26.30 2.90 -2.38
N GLN A 87 -26.10 1.74 -3.01
CA GLN A 87 -24.99 1.54 -3.93
C GLN A 87 -25.08 2.50 -5.12
N ASP A 88 -26.31 2.74 -5.59
CA ASP A 88 -26.53 3.59 -6.76
C ASP A 88 -26.24 5.06 -6.46
N LYS A 89 -26.11 5.39 -5.18
CA LYS A 89 -25.80 6.77 -4.78
C LYS A 89 -24.32 7.09 -4.94
N LEU A 90 -23.50 6.07 -5.10
CA LEU A 90 -22.06 6.27 -5.30
C LEU A 90 -21.63 5.88 -6.70
N TYR A 91 -20.55 6.49 -7.18
CA TYR A 91 -19.98 6.14 -8.48
C TYR A 91 -19.48 4.70 -8.45
N PRO A 92 -19.86 3.91 -9.45
CA PRO A 92 -19.52 2.49 -9.54
C PRO A 92 -18.03 2.21 -9.44
N PHE A 93 -17.20 3.10 -10.01
CA PHE A 93 -15.76 2.86 -10.03
C PHE A 93 -15.15 3.03 -8.64
N THR A 94 -15.83 3.78 -7.79
CA THR A 94 -15.40 3.91 -6.40
C THR A 94 -15.68 2.61 -5.65
N TRP A 95 -16.77 1.94 -6.02
CA TRP A 95 -17.08 0.63 -5.47
C TRP A 95 -16.05 -0.40 -5.93
N ASP A 96 -15.56 -0.22 -7.15
CA ASP A 96 -14.55 -1.12 -7.71
C ASP A 96 -13.28 -1.11 -6.89
N ALA A 97 -12.90 0.07 -6.41
CA ALA A 97 -11.67 0.26 -5.66
C ALA A 97 -11.69 -0.48 -4.32
N VAL A 98 -12.90 -0.76 -3.82
CA VAL A 98 -13.05 -1.42 -2.53
C VAL A 98 -13.62 -2.83 -2.70
N ARG A 99 -13.44 -3.40 -3.88
CA ARG A 99 -13.84 -4.77 -4.14
C ARG A 99 -12.61 -5.68 -4.12
N TYR A 100 -12.67 -6.75 -3.33
CA TYR A 100 -11.55 -7.68 -3.21
C TYR A 100 -12.04 -9.12 -3.19
N ASN A 101 -11.57 -9.91 -4.16
CA ASN A 101 -12.03 -11.28 -4.37
C ASN A 101 -13.55 -11.37 -4.47
N GLY A 102 -14.14 -10.45 -5.22
CA GLY A 102 -15.57 -10.45 -5.48
C GLY A 102 -16.41 -9.79 -4.41
N LYS A 103 -15.80 -9.45 -3.27
CA LYS A 103 -16.54 -8.90 -2.15
C LYS A 103 -16.18 -7.44 -1.86
N LEU A 104 -17.19 -6.66 -1.53
CA LEU A 104 -17.00 -5.28 -1.09
C LEU A 104 -16.50 -5.28 0.35
N ILE A 105 -15.33 -4.70 0.58
CA ILE A 105 -14.72 -4.75 1.91
C ILE A 105 -14.64 -3.39 2.60
N ALA A 106 -15.19 -2.36 1.96
CA ALA A 106 -15.19 -1.02 2.54
C ALA A 106 -16.18 -0.09 1.84
N TYR A 107 -16.47 1.04 2.49
CA TYR A 107 -17.24 2.11 1.86
C TYR A 107 -16.30 3.13 1.23
N PRO A 108 -16.47 3.40 -0.07
CA PRO A 108 -15.67 4.43 -0.72
C PRO A 108 -16.15 5.83 -0.30
N ILE A 109 -15.21 6.71 0.04
CA ILE A 109 -15.57 8.03 0.52
C ILE A 109 -15.25 9.14 -0.48
N ALA A 110 -14.01 9.15 -0.98
CA ALA A 110 -13.57 10.20 -1.89
C ALA A 110 -12.38 9.77 -2.74
N VAL A 111 -12.20 10.43 -3.86
CA VAL A 111 -11.09 10.15 -4.77
C VAL A 111 -9.96 11.17 -4.61
N GLU A 112 -8.76 10.67 -4.32
CA GLU A 112 -7.61 11.54 -4.07
C GLU A 112 -6.57 11.44 -5.17
N ALA A 113 -6.08 12.59 -5.62
CA ALA A 113 -4.99 12.64 -6.58
C ALA A 113 -4.11 13.85 -6.31
N LEU A 114 -2.79 13.65 -6.35
CA LEU A 114 -1.85 14.75 -6.18
C LEU A 114 -1.97 15.74 -7.32
N SER A 115 -1.79 17.02 -6.99
CA SER A 115 -1.75 18.07 -8.00
C SER A 115 -0.54 18.95 -7.76
N LEU A 116 -0.22 19.79 -8.74
CA LEU A 116 0.78 20.82 -8.55
C LEU A 116 0.11 22.04 -7.92
N ILE A 117 0.59 22.42 -6.74
CA ILE A 117 0.09 23.62 -6.07
C ILE A 117 1.16 24.70 -6.15
N TYR A 118 0.80 25.86 -6.70
CA TYR A 118 1.78 26.90 -6.95
C TYR A 118 1.33 28.27 -6.47
N ASN A 119 2.30 29.07 -6.04
CA ASN A 119 2.05 30.43 -5.58
C ASN A 119 1.92 31.40 -6.75
N LYS A 120 0.72 31.91 -6.98
CA LYS A 120 0.47 32.81 -8.11
C LYS A 120 1.20 34.14 -7.99
N ASP A 121 1.61 34.50 -6.78
CA ASP A 121 2.32 35.76 -6.56
C ASP A 121 3.80 35.62 -6.88
N LEU A 122 4.33 34.40 -6.78
CA LEU A 122 5.72 34.13 -7.14
C LEU A 122 5.81 33.61 -8.57
N LEU A 123 4.75 32.95 -9.01
CA LEU A 123 4.77 32.20 -10.25
C LEU A 123 3.43 32.30 -10.97
N PRO A 124 3.19 33.41 -11.70
CA PRO A 124 1.93 33.62 -12.44
C PRO A 124 1.56 32.44 -13.32
N ASN A 125 2.56 31.82 -13.95
CA ASN A 125 2.35 30.61 -14.73
C ASN A 125 3.19 29.46 -14.20
N PRO A 126 2.55 28.34 -13.88
CA PRO A 126 3.29 27.15 -13.45
C PRO A 126 4.05 26.52 -14.62
N PRO A 127 5.21 25.91 -14.33
CA PRO A 127 5.97 25.21 -15.37
C PRO A 127 5.20 24.02 -15.92
N LYS A 128 5.23 23.84 -17.23
CA LYS A 128 4.57 22.71 -17.87
C LYS A 128 5.40 21.44 -17.75
N THR A 129 6.70 21.60 -17.56
CA THR A 129 7.62 20.47 -17.54
C THR A 129 8.48 20.44 -16.29
N TRP A 130 8.93 19.25 -15.92
CA TRP A 130 9.90 19.09 -14.84
C TRP A 130 11.25 19.66 -15.24
N GLU A 131 11.60 19.51 -16.52
CA GLU A 131 12.89 19.90 -17.06
C GLU A 131 13.24 21.38 -16.84
N GLU A 132 12.22 22.24 -16.80
CA GLU A 132 12.43 23.67 -16.72
C GLU A 132 12.49 24.19 -15.28
N ILE A 133 12.28 23.28 -14.32
CA ILE A 133 12.29 23.66 -12.91
C ILE A 133 13.67 24.06 -12.36
N PRO A 134 14.76 23.35 -12.76
CA PRO A 134 16.08 23.84 -12.31
C PRO A 134 16.36 25.30 -12.65
N ALA A 135 16.16 25.68 -13.91
CA ALA A 135 16.37 27.06 -14.34
C ALA A 135 15.42 28.01 -13.63
N LEU A 136 14.21 27.52 -13.36
CA LEU A 136 13.21 28.29 -12.64
C LEU A 136 13.64 28.53 -11.20
N ASP A 137 14.22 27.50 -10.58
CA ASP A 137 14.70 27.60 -9.21
C ASP A 137 15.85 28.58 -9.11
N LYS A 138 16.77 28.52 -10.07
CA LYS A 138 17.90 29.44 -10.12
C LYS A 138 17.41 30.87 -10.17
N GLU A 139 16.37 31.10 -10.97
CA GLU A 139 15.76 32.42 -11.10
C GLU A 139 15.14 32.86 -9.77
N LEU A 140 14.50 31.94 -9.08
CA LEU A 140 13.81 32.24 -7.84
C LEU A 140 14.78 32.41 -6.67
N LYS A 141 15.91 31.71 -6.74
CA LYS A 141 16.92 31.79 -5.69
C LYS A 141 17.51 33.20 -5.60
N ALA A 142 17.57 33.88 -6.75
CA ALA A 142 18.08 35.24 -6.80
C ALA A 142 17.14 36.22 -6.11
N LYS A 143 15.92 35.77 -5.84
CA LYS A 143 14.94 36.55 -5.10
C LYS A 143 14.80 36.04 -3.67
N GLY A 144 15.64 35.09 -3.29
CA GLY A 144 15.57 34.50 -1.96
C GLY A 144 14.42 33.52 -1.81
N LYS A 145 14.01 32.93 -2.93
CA LYS A 145 12.94 31.95 -2.94
C LYS A 145 13.41 30.64 -3.57
N SER A 146 12.59 29.61 -3.52
CA SER A 146 12.88 28.37 -4.23
C SER A 146 11.69 27.97 -5.08
N ALA A 147 11.91 27.05 -6.02
CA ALA A 147 10.87 26.68 -6.97
C ALA A 147 9.89 25.66 -6.40
N LEU A 148 10.42 24.56 -5.86
CA LEU A 148 9.57 23.43 -5.49
C LEU A 148 10.01 22.76 -4.20
N MET A 149 9.05 22.48 -3.32
CA MET A 149 9.29 21.71 -2.12
C MET A 149 8.11 20.78 -1.83
N PHE A 150 8.39 19.48 -1.76
CA PHE A 150 7.36 18.52 -1.40
C PHE A 150 7.95 17.35 -0.62
N ASN A 151 7.09 16.59 0.04
CA ASN A 151 7.49 15.49 0.91
C ASN A 151 8.30 14.42 0.18
N LEU A 152 9.53 14.19 0.64
CA LEU A 152 10.41 13.21 0.02
C LEU A 152 10.52 11.94 0.86
N GLN A 153 9.84 11.92 2.00
CA GLN A 153 9.91 10.79 2.92
C GLN A 153 8.82 9.77 2.63
N GLU A 154 7.86 10.15 1.81
CA GLU A 154 6.80 9.23 1.37
C GLU A 154 6.81 9.12 -0.15
N PRO A 155 7.00 7.90 -0.66
CA PRO A 155 7.13 7.63 -2.11
C PRO A 155 5.90 8.06 -2.90
N TYR A 156 4.77 8.18 -2.20
CA TYR A 156 3.52 8.64 -2.78
C TYR A 156 3.68 9.94 -3.57
N PHE A 157 4.47 10.86 -3.03
CA PHE A 157 4.65 12.17 -3.63
C PHE A 157 5.65 12.15 -4.78
N THR A 158 6.51 11.14 -4.79
CA THR A 158 7.58 11.05 -5.78
C THR A 158 7.17 10.14 -6.95
N TRP A 159 6.27 9.19 -6.66
CA TRP A 159 5.82 8.23 -7.66
C TRP A 159 5.33 8.80 -9.02
N PRO A 160 4.59 9.92 -9.02
CA PRO A 160 4.17 10.47 -10.33
C PRO A 160 5.32 10.69 -11.30
N LEU A 161 6.44 11.21 -10.78
CA LEU A 161 7.63 11.44 -11.59
C LEU A 161 8.27 10.14 -12.03
N ILE A 162 8.36 9.17 -11.13
CA ILE A 162 8.95 7.88 -11.43
C ILE A 162 8.16 7.15 -12.53
N ALA A 163 6.84 7.26 -12.48
CA ALA A 163 5.98 6.54 -13.40
C ALA A 163 5.87 7.22 -14.77
N ALA A 164 6.24 8.50 -14.82
CA ALA A 164 6.05 9.33 -16.01
C ALA A 164 6.65 8.72 -17.29
N ASP A 165 7.90 8.29 -17.22
CA ASP A 165 8.59 7.80 -18.42
C ASP A 165 8.56 6.26 -18.54
N GLY A 166 7.65 5.63 -17.82
CA GLY A 166 7.44 4.19 -18.01
C GLY A 166 7.61 3.33 -16.77
N GLY A 167 7.92 3.93 -15.64
CA GLY A 167 8.00 3.18 -14.39
C GLY A 167 6.61 2.76 -13.94
N TYR A 168 6.53 1.58 -13.32
CA TYR A 168 5.24 1.09 -12.83
C TYR A 168 5.41 0.09 -11.69
N ALA A 169 4.35 -0.07 -10.90
CA ALA A 169 4.37 -1.03 -9.80
C ALA A 169 4.14 -2.45 -10.33
N PHE A 170 2.87 -2.78 -10.56
CA PHE A 170 2.50 -4.07 -11.13
C PHE A 170 1.82 -3.86 -12.47
N LYS A 171 2.34 -4.52 -13.51
CA LYS A 171 1.85 -4.32 -14.88
C LYS A 171 0.38 -4.67 -15.04
N TYR A 172 -0.37 -3.76 -15.65
CA TYR A 172 -1.78 -3.99 -15.93
C TYR A 172 -2.02 -4.10 -17.43
N LYS A 176 -5.89 -6.64 -16.89
CA LYS A 176 -5.47 -7.65 -15.92
C LYS A 176 -4.08 -7.34 -15.35
N TYR A 177 -3.92 -7.54 -14.04
CA TYR A 177 -2.62 -7.37 -13.41
C TYR A 177 -1.73 -8.59 -13.60
N ASP A 178 -0.47 -8.34 -13.92
CA ASP A 178 0.55 -9.38 -13.87
C ASP A 178 1.46 -9.06 -12.70
N ILE A 179 1.15 -9.64 -11.54
CA ILE A 179 1.82 -9.32 -10.29
C ILE A 179 3.30 -9.71 -10.31
N LYS A 180 3.63 -10.75 -11.08
CA LYS A 180 5.01 -11.18 -11.24
C LYS A 180 5.83 -10.16 -12.03
N ASP A 181 5.14 -9.26 -12.71
CA ASP A 181 5.79 -8.24 -13.53
C ASP A 181 5.86 -6.91 -12.79
N VAL A 182 7.03 -6.60 -12.24
CA VAL A 182 7.25 -5.34 -11.54
C VAL A 182 8.18 -4.44 -12.35
N GLY A 183 7.80 -3.18 -12.53
CA GLY A 183 8.57 -2.27 -13.35
C GLY A 183 9.13 -1.09 -12.56
N VAL A 184 9.60 -1.38 -11.36
CA VAL A 184 10.13 -0.35 -10.47
C VAL A 184 11.60 -0.08 -10.83
N ASP A 185 12.20 -1.01 -11.56
CA ASP A 185 13.62 -0.94 -11.87
C ASP A 185 13.91 -0.81 -13.37
N ASN A 186 12.93 -0.40 -14.16
CA ASN A 186 13.16 -0.24 -15.60
C ASN A 186 13.82 1.10 -15.91
N ALA A 187 14.01 1.37 -17.20
CA ALA A 187 14.68 2.60 -17.64
C ALA A 187 13.87 3.84 -17.28
N GLY A 188 12.55 3.75 -17.40
CA GLY A 188 11.68 4.87 -17.09
C GLY A 188 11.73 5.27 -15.63
N ALA A 189 11.69 4.28 -14.76
CA ALA A 189 11.75 4.52 -13.32
C ALA A 189 13.11 5.10 -12.93
N LYS A 190 14.17 4.59 -13.55
CA LYS A 190 15.51 5.09 -13.32
C LYS A 190 15.64 6.55 -13.75
N ALA A 191 15.01 6.88 -14.87
CA ALA A 191 15.05 8.23 -15.41
C ALA A 191 14.39 9.22 -14.46
N GLY A 192 13.21 8.85 -13.94
CA GLY A 192 12.46 9.70 -13.05
C GLY A 192 13.17 9.97 -11.74
N LEU A 193 13.66 8.90 -11.10
CA LEU A 193 14.33 9.04 -9.81
C LEU A 193 15.65 9.79 -9.94
N THR A 194 16.34 9.57 -11.07
CA THR A 194 17.60 10.26 -11.33
C THR A 194 17.38 11.76 -11.43
N PHE A 195 16.29 12.18 -12.08
CA PHE A 195 15.99 13.59 -12.21
C PHE A 195 15.72 14.20 -10.84
N LEU A 196 15.14 13.43 -9.94
CA LEU A 196 14.87 13.90 -8.59
C LEU A 196 16.17 14.00 -7.79
N VAL A 197 17.03 12.99 -7.94
CA VAL A 197 18.31 12.97 -7.25
C VAL A 197 19.18 14.11 -7.76
N ASP A 198 19.12 14.37 -9.07
CA ASP A 198 19.87 15.48 -9.67
C ASP A 198 19.37 16.83 -9.16
N LEU A 199 18.07 16.94 -8.94
CA LEU A 199 17.50 18.16 -8.35
C LEU A 199 18.11 18.41 -6.97
N ILE A 200 18.34 17.33 -6.24
CA ILE A 200 18.96 17.43 -4.92
C ILE A 200 20.46 17.71 -5.03
N LYS A 201 21.12 17.03 -5.97
CA LYS A 201 22.53 17.26 -6.22
C LYS A 201 22.83 18.72 -6.56
N ASN A 202 21.95 19.33 -7.33
CA ASN A 202 22.14 20.69 -7.81
C ASN A 202 21.49 21.73 -6.91
N LYS A 203 21.26 21.35 -5.65
CA LYS A 203 20.75 22.24 -4.62
C LYS A 203 19.40 22.87 -4.97
N HIS A 204 18.59 22.15 -5.74
CA HIS A 204 17.23 22.61 -6.05
C HIS A 204 16.24 22.05 -5.03
N MET A 205 16.61 20.94 -4.41
CA MET A 205 15.80 20.36 -3.34
C MET A 205 16.66 19.82 -2.21
N ASN A 206 16.04 19.57 -1.06
CA ASN A 206 16.73 19.05 0.12
C ASN A 206 16.19 17.67 0.49
N ALA A 207 17.09 16.70 0.61
CA ALA A 207 16.73 15.29 0.77
C ALA A 207 15.90 15.01 2.03
N ASP A 208 16.02 15.88 3.04
CA ASP A 208 15.32 15.66 4.28
C ASP A 208 14.02 16.45 4.39
N THR A 209 13.59 17.05 3.29
CA THR A 209 12.31 17.75 3.25
C THR A 209 11.15 16.77 3.42
N ASP A 210 10.36 16.96 4.48
CA ASP A 210 9.21 16.10 4.71
C ASP A 210 7.91 16.90 4.57
N TYR A 211 6.81 16.31 5.01
CA TYR A 211 5.50 16.93 4.85
C TYR A 211 5.38 18.28 5.56
N SER A 212 5.75 18.30 6.83
CA SER A 212 5.66 19.52 7.63
CA SER A 212 5.66 19.51 7.63
C SER A 212 6.54 20.64 7.07
N ILE A 213 7.77 20.28 6.71
CA ILE A 213 8.72 21.25 6.17
C ILE A 213 8.24 21.85 4.84
N ALA A 214 7.74 20.99 3.95
CA ALA A 214 7.26 21.43 2.65
C ALA A 214 6.00 22.30 2.79
N GLU A 215 5.11 21.91 3.68
CA GLU A 215 3.87 22.65 3.91
C GLU A 215 4.15 24.02 4.49
N ALA A 216 5.07 24.07 5.46
CA ALA A 216 5.41 25.32 6.13
C ALA A 216 6.07 26.30 5.18
N ALA A 217 6.94 25.79 4.30
CA ALA A 217 7.67 26.64 3.36
C ALA A 217 6.74 27.25 2.31
N PHE A 218 5.81 26.46 1.80
CA PHE A 218 4.87 26.97 0.80
C PHE A 218 3.88 27.94 1.41
N ASN A 219 3.30 27.56 2.53
CA ASN A 219 2.28 28.38 3.20
C ASN A 219 2.84 29.67 3.78
N LYS A 220 4.16 29.75 3.89
CA LYS A 220 4.83 30.98 4.32
C LYS A 220 5.34 31.77 3.11
N GLY A 221 5.23 31.18 1.93
CA GLY A 221 5.64 31.85 0.70
C GLY A 221 7.13 31.82 0.47
N GLU A 222 7.79 30.77 0.95
CA GLU A 222 9.23 30.63 0.76
C GLU A 222 9.56 29.84 -0.51
N THR A 223 8.65 28.97 -0.92
CA THR A 223 8.82 28.21 -2.15
C THR A 223 7.63 28.43 -3.07
N ALA A 224 7.89 28.41 -4.37
CA ALA A 224 6.87 28.74 -5.36
C ALA A 224 5.86 27.61 -5.56
N MET A 225 6.31 26.38 -5.40
CA MET A 225 5.45 25.23 -5.66
C MET A 225 5.54 24.13 -4.62
N THR A 226 4.48 23.34 -4.52
CA THR A 226 4.48 22.11 -3.74
C THR A 226 3.63 21.07 -4.45
N ILE A 227 3.74 19.82 -4.00
CA ILE A 227 2.91 18.75 -4.53
C ILE A 227 2.14 18.11 -3.38
N ASN A 228 0.81 18.17 -3.46
CA ASN A 228 -0.03 17.68 -2.38
C ASN A 228 -1.45 17.38 -2.82
N GLY A 229 -2.22 16.77 -1.93
CA GLY A 229 -3.60 16.43 -2.20
C GLY A 229 -4.56 17.48 -1.67
N PRO A 230 -5.86 17.31 -1.94
CA PRO A 230 -6.90 18.29 -1.58
C PRO A 230 -6.97 18.60 -0.09
N TRP A 231 -6.58 17.66 0.76
CA TRP A 231 -6.62 17.84 2.21
C TRP A 231 -5.73 18.99 2.67
N ALA A 232 -4.74 19.33 1.84
CA ALA A 232 -3.78 20.37 2.19
C ALA A 232 -4.33 21.77 1.91
N TRP A 233 -5.40 21.85 1.13
CA TRP A 233 -5.96 23.14 0.72
C TRP A 233 -6.39 24.01 1.90
N SER A 234 -6.95 23.37 2.92
CA SER A 234 -7.43 24.08 4.12
C SER A 234 -6.38 24.99 4.73
N ASN A 235 -5.19 24.43 5.00
CA ASN A 235 -4.12 25.17 5.63
C ASN A 235 -3.54 26.24 4.71
N ILE A 236 -3.66 26.04 3.41
CA ILE A 236 -3.20 27.04 2.46
C ILE A 236 -4.17 28.23 2.44
N ASP A 237 -5.46 27.94 2.56
CA ASP A 237 -6.48 28.99 2.68
C ASP A 237 -6.19 29.87 3.89
N THR A 238 -5.87 29.21 5.01
CA THR A 238 -5.59 29.91 6.25
C THR A 238 -4.40 30.85 6.13
N SER A 239 -3.42 30.44 5.33
CA SER A 239 -2.19 31.22 5.16
C SER A 239 -2.37 32.39 4.20
N LYS A 240 -3.52 32.43 3.53
CA LYS A 240 -3.89 33.52 2.61
C LYS A 240 -2.94 33.62 1.42
N VAL A 241 -2.29 32.51 1.07
CA VAL A 241 -1.44 32.48 -0.11
C VAL A 241 -2.28 32.45 -1.38
N ASN A 242 -1.99 33.37 -2.31
CA ASN A 242 -2.64 33.34 -3.62
C ASN A 242 -2.19 32.12 -4.39
N TYR A 243 -2.89 31.00 -4.21
CA TYR A 243 -2.45 29.74 -4.78
C TYR A 243 -3.39 29.21 -5.85
N GLY A 244 -2.84 28.39 -6.74
CA GLY A 244 -3.62 27.73 -7.76
C GLY A 244 -3.33 26.24 -7.75
N VAL A 245 -4.29 25.45 -8.24
CA VAL A 245 -4.14 24.01 -8.31
C VAL A 245 -4.20 23.58 -9.77
N THR A 246 -3.18 22.87 -10.24
CA THR A 246 -3.07 22.58 -11.67
C THR A 246 -2.45 21.23 -11.98
N VAL A 247 -2.39 20.91 -13.27
CA VAL A 247 -1.82 19.66 -13.74
C VAL A 247 -0.34 19.56 -13.38
N LEU A 248 0.09 18.36 -12.98
CA LEU A 248 1.48 18.10 -12.66
C LEU A 248 2.36 18.33 -13.89
N PRO A 249 3.64 18.71 -13.66
CA PRO A 249 4.57 18.90 -14.78
C PRO A 249 4.85 17.60 -15.52
N THR A 250 5.04 17.69 -16.84
CA THR A 250 5.40 16.52 -17.63
C THR A 250 6.88 16.21 -17.48
N PHE A 251 7.24 14.95 -17.69
CA PHE A 251 8.64 14.55 -17.68
C PHE A 251 8.95 13.82 -18.98
N LYS A 252 9.95 14.33 -19.70
CA LYS A 252 10.30 13.82 -21.02
C LYS A 252 9.10 13.80 -21.96
N GLY A 253 8.26 14.84 -21.86
CA GLY A 253 7.11 14.99 -22.73
C GLY A 253 5.90 14.18 -22.31
N GLN A 254 6.04 13.40 -21.25
CA GLN A 254 4.95 12.54 -20.79
C GLN A 254 4.41 13.01 -19.44
N PRO A 255 3.09 12.88 -19.25
CA PRO A 255 2.42 13.33 -18.02
C PRO A 255 2.89 12.60 -16.77
N SER A 256 2.92 13.29 -15.64
CA SER A 256 3.13 12.64 -14.36
C SER A 256 1.92 11.78 -14.05
N LYS A 257 2.15 10.56 -13.60
CA LYS A 257 1.06 9.62 -13.34
C LYS A 257 0.99 9.28 -11.87
N PRO A 258 0.21 10.05 -11.10
CA PRO A 258 0.07 9.77 -9.68
C PRO A 258 -0.78 8.55 -9.41
N PHE A 259 -0.34 7.71 -8.48
CA PHE A 259 -1.19 6.62 -8.01
C PHE A 259 -2.40 7.23 -7.33
N VAL A 260 -3.58 6.96 -7.88
CA VAL A 260 -4.82 7.54 -7.35
C VAL A 260 -5.37 6.69 -6.20
N GLY A 261 -5.71 7.34 -5.10
CA GLY A 261 -6.26 6.66 -3.95
C GLY A 261 -7.69 7.02 -3.66
N VAL A 262 -8.46 6.03 -3.24
CA VAL A 262 -9.83 6.25 -2.82
C VAL A 262 -9.93 6.10 -1.30
N LEU A 263 -10.07 7.23 -0.60
CA LEU A 263 -10.30 7.20 0.84
C LEU A 263 -11.49 6.32 1.15
N SER A 264 -11.25 5.29 1.97
CA SER A 264 -12.28 4.29 2.23
C SER A 264 -12.43 4.03 3.72
N ALA A 265 -13.62 3.59 4.11
CA ALA A 265 -13.92 3.28 5.49
C ALA A 265 -14.24 1.79 5.64
N GLY A 266 -13.39 1.06 6.34
CA GLY A 266 -13.59 -0.35 6.54
C GLY A 266 -14.13 -0.64 7.94
N ILE A 267 -14.82 -1.77 8.07
CA ILE A 267 -15.35 -2.18 9.36
C ILE A 267 -14.60 -3.38 9.90
N ASN A 268 -14.05 -3.24 11.11
CA ASN A 268 -13.27 -4.28 11.75
C ASN A 268 -14.07 -5.58 11.90
N ALA A 269 -13.44 -6.69 11.51
CA ALA A 269 -14.09 -8.00 11.58
C ALA A 269 -14.43 -8.38 13.00
N ALA A 270 -13.66 -7.87 13.96
CA ALA A 270 -13.84 -8.20 15.36
C ALA A 270 -14.80 -7.24 16.07
N SER A 271 -15.35 -6.30 15.31
CA SER A 271 -16.27 -5.32 15.89
C SER A 271 -17.62 -5.94 16.24
N PRO A 272 -18.10 -5.67 17.46
CA PRO A 272 -19.45 -6.07 17.88
C PRO A 272 -20.48 -5.00 17.53
N ASN A 273 -20.03 -3.93 16.88
CA ASN A 273 -20.90 -2.81 16.53
C ASN A 273 -21.05 -2.63 15.03
N LYS A 274 -21.02 -3.74 14.29
CA LYS A 274 -21.06 -3.70 12.83
C LYS A 274 -22.30 -2.99 12.28
N GLU A 275 -23.44 -3.20 12.92
CA GLU A 275 -24.68 -2.57 12.47
C GLU A 275 -24.67 -1.07 12.73
N LEU A 276 -24.12 -0.66 13.87
CA LEU A 276 -23.97 0.75 14.20
C LEU A 276 -23.04 1.44 13.21
N ALA A 277 -21.94 0.77 12.87
CA ALA A 277 -20.96 1.30 11.93
C ALA A 277 -21.58 1.47 10.55
N LYS A 278 -22.32 0.46 10.11
CA LYS A 278 -23.03 0.51 8.84
C LYS A 278 -24.01 1.68 8.82
N GLU A 279 -24.76 1.83 9.91
CA GLU A 279 -25.71 2.92 10.05
C GLU A 279 -25.01 4.28 10.01
N PHE A 280 -23.88 4.37 10.72
CA PHE A 280 -23.09 5.59 10.74
C PHE A 280 -22.55 5.95 9.36
N LEU A 281 -21.92 4.99 8.70
CA LEU A 281 -21.28 5.24 7.42
C LEU A 281 -22.27 5.51 6.29
N GLU A 282 -23.37 4.75 6.26
CA GLU A 282 -24.34 4.88 5.17
C GLU A 282 -25.25 6.09 5.34
N ASN A 283 -25.78 6.28 6.54
CA ASN A 283 -26.85 7.25 6.74
C ASN A 283 -26.45 8.52 7.48
N TYR A 284 -25.16 8.66 7.78
CA TYR A 284 -24.68 9.86 8.45
C TYR A 284 -23.48 10.49 7.75
N LEU A 285 -22.48 9.68 7.43
CA LEU A 285 -21.28 10.20 6.77
C LEU A 285 -21.48 10.36 5.27
N LEU A 286 -21.92 9.28 4.62
CA LEU A 286 -22.10 9.31 3.17
C LEU A 286 -23.42 9.99 2.79
N THR A 287 -23.57 11.23 3.25
CA THR A 287 -24.69 12.08 2.89
C THR A 287 -24.13 13.44 2.49
N ASP A 288 -24.97 14.27 1.89
CA ASP A 288 -24.56 15.62 1.52
C ASP A 288 -24.01 16.39 2.72
N GLU A 289 -24.74 16.35 3.82
CA GLU A 289 -24.38 17.11 5.02
C GLU A 289 -23.18 16.51 5.75
N GLY A 290 -23.07 15.18 5.72
CA GLY A 290 -22.00 14.49 6.41
C GLY A 290 -20.65 14.74 5.77
N LEU A 291 -20.59 14.57 4.45
CA LEU A 291 -19.37 14.79 3.70
C LEU A 291 -18.96 16.26 3.74
N GLU A 292 -19.96 17.14 3.68
CA GLU A 292 -19.72 18.58 3.77
C GLU A 292 -19.03 18.94 5.07
N ALA A 293 -19.47 18.30 6.15
CA ALA A 293 -18.89 18.53 7.48
C ALA A 293 -17.40 18.21 7.50
N VAL A 294 -17.04 17.09 6.88
CA VAL A 294 -15.64 16.67 6.81
C VAL A 294 -14.88 17.52 5.79
N ASN A 295 -15.51 17.78 4.64
CA ASN A 295 -14.90 18.55 3.57
C ASN A 295 -14.55 19.96 4.01
N LYS A 296 -15.38 20.55 4.86
CA LYS A 296 -15.16 21.90 5.36
C LYS A 296 -13.99 21.94 6.35
N ASP A 297 -13.71 20.79 6.98
CA ASP A 297 -12.55 20.68 7.83
C ASP A 297 -11.30 20.55 6.95
N LYS A 298 -11.21 19.42 6.24
CA LYS A 298 -10.17 19.23 5.23
C LYS A 298 -10.83 18.68 3.97
N PRO A 299 -10.55 19.28 2.81
CA PRO A 299 -11.17 18.85 1.56
C PRO A 299 -10.91 17.38 1.26
N LEU A 300 -11.96 16.68 0.84
CA LEU A 300 -11.89 15.23 0.62
C LEU A 300 -11.39 14.90 -0.78
N GLY A 301 -11.57 15.82 -1.72
CA GLY A 301 -11.30 15.56 -3.12
C GLY A 301 -12.62 15.34 -3.84
N ALA A 302 -12.60 14.52 -4.89
CA ALA A 302 -13.83 14.17 -5.57
C ALA A 302 -14.55 13.05 -4.81
N VAL A 303 -15.61 13.42 -4.10
CA VAL A 303 -16.31 12.46 -3.24
C VAL A 303 -17.05 11.40 -4.04
N ALA A 304 -17.26 10.25 -3.40
CA ALA A 304 -17.91 9.12 -4.05
C ALA A 304 -19.41 9.34 -4.23
N LEU A 305 -19.99 10.23 -3.42
CA LEU A 305 -21.42 10.48 -3.46
C LEU A 305 -21.79 11.44 -4.58
N LYS A 306 -22.60 10.94 -5.52
CA LYS A 306 -22.96 11.68 -6.74
C LYS A 306 -23.60 13.04 -6.47
N SER A 307 -24.56 13.07 -5.54
CA SER A 307 -25.31 14.28 -5.26
C SER A 307 -24.41 15.41 -4.77
N TYR A 308 -23.41 15.06 -3.97
CA TYR A 308 -22.49 16.07 -3.44
C TYR A 308 -21.37 16.39 -4.41
N GLU A 309 -20.92 15.38 -5.16
CA GLU A 309 -19.84 15.57 -6.11
C GLU A 309 -20.24 16.50 -7.25
N GLU A 310 -21.51 16.47 -7.61
CA GLU A 310 -22.04 17.32 -8.68
C GLU A 310 -21.81 18.80 -8.36
N GLU A 311 -21.82 19.14 -7.08
CA GLU A 311 -21.57 20.50 -6.66
C GLU A 311 -20.08 20.79 -6.58
N LEU A 312 -19.32 19.85 -6.03
CA LEU A 312 -17.88 20.03 -5.85
C LEU A 312 -17.12 20.06 -7.17
N ALA A 313 -17.67 19.39 -8.19
CA ALA A 313 -17.01 19.28 -9.48
C ALA A 313 -16.85 20.64 -10.17
N LYS A 314 -17.63 21.62 -9.72
CA LYS A 314 -17.57 22.97 -10.29
C LYS A 314 -16.35 23.72 -9.80
N ASP A 315 -15.70 23.19 -8.77
CA ASP A 315 -14.49 23.79 -8.23
C ASP A 315 -13.32 23.47 -9.15
N PRO A 316 -12.63 24.51 -9.65
CA PRO A 316 -11.45 24.38 -10.50
C PRO A 316 -10.37 23.48 -9.88
N ARG A 317 -10.27 23.53 -8.55
CA ARG A 317 -9.29 22.71 -7.84
C ARG A 317 -9.65 21.22 -7.91
N ILE A 318 -10.95 20.93 -7.96
CA ILE A 318 -11.41 19.56 -8.12
C ILE A 318 -11.22 19.10 -9.56
N ALA A 319 -11.45 20.01 -10.49
CA ALA A 319 -11.23 19.73 -11.91
C ALA A 319 -9.77 19.39 -12.17
N ALA A 320 -8.88 20.12 -11.50
CA ALA A 320 -7.44 19.87 -11.61
C ALA A 320 -7.09 18.53 -10.98
N THR A 321 -7.77 18.19 -9.88
CA THR A 321 -7.54 16.92 -9.20
C THR A 321 -7.92 15.75 -10.09
N MET A 322 -9.09 15.84 -10.72
CA MET A 322 -9.58 14.77 -11.58
C MET A 322 -8.80 14.68 -12.89
N GLU A 323 -8.25 15.81 -13.33
CA GLU A 323 -7.39 15.81 -14.51
C GLU A 323 -6.12 15.03 -14.23
N ASN A 324 -5.51 15.30 -13.08
CA ASN A 324 -4.33 14.56 -12.65
C ASN A 324 -4.64 13.10 -12.39
N ALA A 325 -5.84 12.85 -11.85
CA ALA A 325 -6.29 11.49 -11.59
C ALA A 325 -6.42 10.69 -12.89
N GLN A 326 -6.92 11.34 -13.94
CA GLN A 326 -7.13 10.69 -15.22
C GLN A 326 -5.81 10.30 -15.88
N LYS A 327 -4.78 11.12 -15.67
CA LYS A 327 -3.47 10.85 -16.23
C LYS A 327 -2.71 9.82 -15.40
N GLY A 328 -3.21 9.55 -14.20
CA GLY A 328 -2.60 8.57 -13.31
C GLY A 328 -3.32 7.23 -13.35
N GLU A 329 -3.08 6.40 -12.33
CA GLU A 329 -3.71 5.10 -12.25
C GLU A 329 -4.30 4.86 -10.86
N ILE A 330 -5.46 4.21 -10.82
CA ILE A 330 -6.04 3.76 -9.56
C ILE A 330 -5.12 2.71 -8.95
N MET A 331 -4.76 2.88 -7.69
CA MET A 331 -3.90 1.93 -7.01
C MET A 331 -4.51 0.54 -6.97
N PRO A 332 -3.66 -0.49 -7.08
CA PRO A 332 -4.10 -1.86 -6.80
C PRO A 332 -4.38 -2.02 -5.32
N ASN A 333 -5.18 -3.02 -4.95
CA ASN A 333 -5.40 -3.27 -3.53
C ASN A 333 -4.92 -4.67 -3.15
N ILE A 334 -4.05 -5.24 -3.98
CA ILE A 334 -3.46 -6.53 -3.68
C ILE A 334 -2.68 -6.44 -2.36
N PRO A 335 -2.59 -7.56 -1.62
CA PRO A 335 -1.95 -7.55 -0.30
C PRO A 335 -0.48 -7.11 -0.35
N GLN A 336 0.14 -7.20 -1.52
CA GLN A 336 1.55 -6.91 -1.69
C GLN A 336 1.84 -5.41 -1.71
N MET A 337 0.78 -4.60 -1.79
CA MET A 337 0.92 -3.15 -1.91
C MET A 337 1.74 -2.54 -0.76
N SER A 338 1.57 -3.08 0.44
CA SER A 338 2.30 -2.60 1.60
C SER A 338 3.80 -2.84 1.44
N ALA A 339 4.15 -4.00 0.91
CA ALA A 339 5.55 -4.35 0.68
C ALA A 339 6.16 -3.49 -0.42
N PHE A 340 5.37 -3.25 -1.48
CA PHE A 340 5.80 -2.39 -2.56
C PHE A 340 6.10 -0.98 -2.06
N TRP A 341 5.16 -0.42 -1.30
CA TRP A 341 5.32 0.93 -0.77
C TRP A 341 6.53 1.05 0.14
N TYR A 342 6.77 0.03 0.97
CA TYR A 342 7.90 0.06 1.87
C TYR A 342 9.22 0.01 1.09
N ALA A 343 9.25 -0.83 0.06
CA ALA A 343 10.45 -0.98 -0.76
C ALA A 343 10.79 0.32 -1.48
N VAL A 344 9.77 0.93 -2.10
CA VAL A 344 9.97 2.15 -2.88
C VAL A 344 10.29 3.34 -1.96
N ARG A 345 9.70 3.34 -0.77
CA ARG A 345 9.98 4.36 0.23
C ARG A 345 11.47 4.39 0.56
N THR A 346 12.02 3.22 0.86
CA THR A 346 13.43 3.08 1.19
C THR A 346 14.32 3.46 0.00
N ALA A 347 13.87 3.08 -1.20
CA ALA A 347 14.64 3.35 -2.41
C ALA A 347 14.75 4.85 -2.69
N VAL A 348 13.65 5.57 -2.50
CA VAL A 348 13.64 7.01 -2.75
C VAL A 348 14.50 7.74 -1.72
N ILE A 349 14.33 7.39 -0.45
CA ILE A 349 15.07 8.03 0.63
C ILE A 349 16.57 7.77 0.49
N ASN A 350 16.94 6.53 0.14
CA ASN A 350 18.34 6.15 0.01
C ASN A 350 19.03 6.83 -1.17
N ALA A 351 18.32 6.92 -2.29
CA ALA A 351 18.87 7.59 -3.47
C ALA A 351 18.99 9.09 -3.22
N ALA A 352 17.99 9.66 -2.55
CA ALA A 352 17.95 11.08 -2.25
C ALA A 352 19.09 11.49 -1.32
N SER A 353 19.43 10.62 -0.38
CA SER A 353 20.45 10.91 0.62
C SER A 353 21.83 10.46 0.19
N GLY A 354 21.91 9.73 -0.92
CA GLY A 354 23.18 9.26 -1.44
C GLY A 354 23.62 7.93 -0.82
N ARG A 355 22.77 7.38 0.04
CA ARG A 355 23.07 6.10 0.69
C ARG A 355 23.24 4.99 -0.35
N GLN A 356 22.40 5.02 -1.38
CA GLN A 356 22.57 4.16 -2.54
C GLN A 356 22.52 4.98 -3.82
N THR A 357 22.96 4.40 -4.92
CA THR A 357 22.74 5.01 -6.22
C THR A 357 21.33 4.67 -6.67
N VAL A 358 20.86 5.34 -7.72
CA VAL A 358 19.54 5.08 -8.26
C VAL A 358 19.39 3.62 -8.70
N ASP A 359 20.40 3.14 -9.42
CA ASP A 359 20.42 1.75 -9.87
C ASP A 359 20.36 0.78 -8.70
N GLU A 360 21.15 1.05 -7.66
CA GLU A 360 21.18 0.21 -6.47
C GLU A 360 19.84 0.22 -5.73
N ALA A 361 19.32 1.41 -5.48
CA ALA A 361 18.11 1.58 -4.70
C ALA A 361 16.89 0.95 -5.37
N LEU A 362 16.72 1.21 -6.65
CA LEU A 362 15.59 0.67 -7.41
C LEU A 362 15.74 -0.83 -7.62
N LYS A 363 16.98 -1.31 -7.62
CA LYS A 363 17.24 -2.74 -7.70
C LYS A 363 16.67 -3.46 -6.48
N ASP A 364 16.91 -2.88 -5.31
CA ASP A 364 16.41 -3.45 -4.06
C ASP A 364 14.89 -3.36 -3.97
N ALA A 365 14.34 -2.23 -4.43
CA ALA A 365 12.90 -2.04 -4.43
C ALA A 365 12.22 -3.06 -5.33
N GLN A 366 12.89 -3.42 -6.42
CA GLN A 366 12.40 -4.46 -7.31
C GLN A 366 12.32 -5.79 -6.58
N THR A 367 13.42 -6.17 -5.93
CA THR A 367 13.50 -7.41 -5.18
C THR A 367 12.47 -7.45 -4.05
N GLY A 368 12.30 -6.31 -3.38
CA GLY A 368 11.34 -6.22 -2.29
C GLY A 368 9.91 -6.37 -2.74
N SER A 369 9.59 -5.76 -3.88
CA SER A 369 8.23 -5.81 -4.42
C SER A 369 7.88 -7.19 -4.96
N GLU A 370 8.86 -7.85 -5.57
CA GLU A 370 8.65 -9.17 -6.18
C GLU A 370 8.66 -10.29 -5.15
N LEU A 371 9.18 -10.00 -3.95
CA LEU A 371 9.54 -11.02 -2.98
C LEU A 371 8.44 -12.03 -2.66
N TYR A 372 7.23 -11.54 -2.38
CA TYR A 372 6.14 -12.44 -2.03
C TYR A 372 5.78 -13.39 -3.17
N ARG A 373 5.46 -12.83 -4.33
CA ARG A 373 5.01 -13.63 -5.47
C ARG A 373 6.07 -14.63 -5.93
N GLN A 374 7.33 -14.20 -5.93
CA GLN A 374 8.42 -15.08 -6.34
C GLN A 374 8.61 -16.20 -5.33
N SER A 375 8.53 -15.85 -4.04
CA SER A 375 8.63 -16.84 -2.98
C SER A 375 7.50 -17.86 -3.05
N LEU A 376 6.28 -17.36 -3.27
CA LEU A 376 5.12 -18.22 -3.37
C LEU A 376 5.25 -19.19 -4.54
N GLU A 377 5.69 -18.67 -5.69
CA GLU A 377 5.85 -19.48 -6.89
C GLU A 377 6.77 -20.68 -6.65
N ILE A 378 7.85 -20.45 -5.91
CA ILE A 378 8.83 -21.49 -5.60
C ILE A 378 8.30 -22.48 -4.57
N ILE A 379 7.71 -21.95 -3.50
CA ILE A 379 7.24 -22.77 -2.39
C ILE A 379 6.00 -23.58 -2.78
N SER A 380 5.11 -22.96 -3.54
CA SER A 380 3.91 -23.66 -4.02
C SER A 380 4.29 -24.84 -4.92
N ARG A 381 5.17 -24.59 -5.88
CA ARG A 381 5.57 -25.62 -6.83
C ARG A 381 6.30 -26.76 -6.14
N TYR A 382 7.16 -26.45 -5.18
CA TYR A 382 7.89 -27.48 -4.45
C TYR A 382 6.93 -28.36 -3.66
N LEU A 383 6.02 -27.72 -2.91
CA LEU A 383 5.08 -28.45 -2.08
C LEU A 383 4.14 -29.33 -2.93
N ARG A 384 3.70 -28.80 -4.06
CA ARG A 384 2.75 -29.51 -4.90
C ARG A 384 3.39 -30.68 -5.64
N GLU A 385 4.63 -30.50 -6.11
CA GLU A 385 5.31 -31.57 -6.84
C GLU A 385 5.78 -32.66 -5.88
N GLN A 386 6.11 -32.29 -4.66
CA GLN A 386 6.50 -33.26 -3.64
C GLN A 386 5.32 -34.12 -3.24
N ALA A 387 4.14 -33.50 -3.18
CA ALA A 387 2.93 -34.19 -2.74
C ALA A 387 2.36 -35.10 -3.81
N THR A 388 2.46 -34.67 -5.07
CA THR A 388 1.84 -35.41 -6.17
C THR A 388 2.82 -36.28 -6.93
N GLY A 389 4.11 -35.96 -6.84
CA GLY A 389 5.14 -36.72 -7.53
C GLY A 389 5.45 -36.19 -8.91
N ALA A 390 4.62 -35.27 -9.40
CA ALA A 390 4.81 -34.70 -10.73
C ALA A 390 4.94 -33.17 -10.66
N ALA A 391 5.82 -32.62 -11.48
CA ALA A 391 6.11 -31.19 -11.44
C ALA A 391 5.05 -30.37 -12.18
N ASP A 392 5.07 -29.07 -11.95
CA ASP A 392 4.19 -28.15 -12.65
C ASP A 392 4.78 -27.83 -14.03
N THR A 393 3.99 -28.05 -15.07
CA THR A 393 4.46 -27.88 -16.44
C THR A 393 4.40 -26.42 -16.91
N ALA A 394 3.70 -25.58 -16.16
CA ALA A 394 3.49 -24.20 -16.55
C ALA A 394 4.78 -23.37 -16.51
N PRO A 395 4.91 -22.41 -17.43
CA PRO A 395 6.04 -21.47 -17.46
C PRO A 395 6.21 -20.74 -16.13
N MET A 396 7.44 -20.36 -15.82
CA MET A 396 7.73 -19.69 -14.55
C MET A 396 7.32 -18.21 -14.57
N GLY A 397 7.21 -17.65 -15.76
CA GLY A 397 6.84 -16.26 -15.91
C GLY A 397 8.05 -15.35 -15.76
N ALA A 398 7.79 -14.09 -15.40
CA ALA A 398 8.87 -13.11 -15.22
C ALA A 398 9.81 -13.54 -14.09
N SER A 399 11.09 -13.18 -14.24
CA SER A 399 12.14 -13.64 -13.34
C SER A 399 12.11 -15.16 -13.26
N GLY A 400 11.92 -15.80 -14.40
CA GLY A 400 11.74 -17.23 -14.47
C GLY A 400 12.98 -18.05 -14.16
N ALA A 401 14.14 -17.56 -14.61
CA ALA A 401 15.40 -18.24 -14.36
C ALA A 401 15.69 -18.32 -12.87
N THR A 402 15.36 -17.24 -12.16
CA THR A 402 15.53 -17.20 -10.72
C THR A 402 14.66 -18.25 -10.04
N SER A 403 13.37 -18.23 -10.37
CA SER A 403 12.42 -19.16 -9.79
C SER A 403 12.79 -20.60 -10.11
N ARG A 404 13.15 -20.85 -11.37
CA ARG A 404 13.51 -22.20 -11.81
C ARG A 404 14.75 -22.72 -11.11
N LYS A 405 15.79 -21.89 -11.03
CA LYS A 405 17.04 -22.30 -10.42
C LYS A 405 16.91 -22.43 -8.90
N ALA A 406 16.07 -21.58 -8.31
CA ALA A 406 15.80 -21.67 -6.88
C ALA A 406 15.07 -22.96 -6.57
N LEU A 407 14.10 -23.30 -7.41
CA LEU A 407 13.33 -24.53 -7.25
C LEU A 407 14.24 -25.74 -7.35
N GLU A 408 15.14 -25.74 -8.33
CA GLU A 408 16.08 -26.84 -8.52
C GLU A 408 17.05 -26.93 -7.33
N THR A 409 17.46 -25.79 -6.80
CA THR A 409 18.30 -25.77 -5.61
C THR A 409 17.53 -26.35 -4.43
N LEU A 410 16.28 -25.90 -4.29
CA LEU A 410 15.42 -26.36 -3.21
C LEU A 410 15.17 -27.86 -3.29
N ARG A 411 15.02 -28.39 -4.50
CA ARG A 411 14.84 -29.83 -4.70
C ARG A 411 16.02 -30.62 -4.14
N ARG A 412 17.22 -30.18 -4.50
CA ARG A 412 18.44 -30.87 -4.08
C ARG A 412 18.65 -30.77 -2.57
N VAL A 413 18.53 -29.56 -2.03
CA VAL A 413 18.82 -29.31 -0.63
C VAL A 413 17.64 -29.70 0.26
N GLY A 414 16.42 -29.54 -0.25
CA GLY A 414 15.23 -29.87 0.51
C GLY A 414 15.07 -31.36 0.73
N ASP A 415 15.35 -32.14 -0.32
CA ASP A 415 15.26 -33.60 -0.24
C ASP A 415 16.25 -34.15 0.77
N GLY A 416 17.41 -33.51 0.90
CA GLY A 416 18.41 -33.90 1.86
C GLY A 416 17.92 -33.71 3.28
N VAL A 417 17.30 -32.55 3.53
CA VAL A 417 16.77 -32.23 4.84
C VAL A 417 15.65 -33.18 5.25
N GLN A 418 14.69 -33.39 4.33
CA GLN A 418 13.57 -34.30 4.59
C GLN A 418 14.06 -35.71 4.86
N ARG A 419 15.11 -36.12 4.15
CA ARG A 419 15.71 -37.43 4.32
C ARG A 419 16.33 -37.58 5.71
N ASN A 420 17.23 -36.67 6.04
CA ASN A 420 17.97 -36.72 7.30
C ASN A 420 17.10 -36.46 8.52
N HIS A 421 16.11 -35.58 8.37
CA HIS A 421 15.24 -35.21 9.48
C HIS A 421 13.89 -35.93 9.42
N GLU A 422 13.87 -37.09 8.79
CA GLU A 422 12.61 -37.81 8.57
C GLU A 422 11.87 -38.15 9.87
N THR A 423 12.59 -38.69 10.84
CA THR A 423 11.97 -39.06 12.12
C THR A 423 11.50 -37.83 12.88
N ALA A 424 12.32 -36.79 12.88
CA ALA A 424 11.99 -35.54 13.55
C ALA A 424 10.73 -34.91 12.94
N PHE A 425 10.63 -34.99 11.61
CA PHE A 425 9.48 -34.43 10.90
C PHE A 425 8.20 -35.21 11.22
N GLN A 426 8.31 -36.53 11.29
CA GLN A 426 7.15 -37.37 11.59
C GLN A 426 6.67 -37.15 13.02
N GLY A 427 7.60 -36.88 13.92
CA GLY A 427 7.26 -36.57 15.31
C GLY A 427 6.55 -35.23 15.41
N MET A 428 7.03 -34.27 14.63
CA MET A 428 6.44 -32.94 14.60
C MET A 428 5.07 -32.98 13.93
N LEU A 429 4.94 -33.80 12.89
CA LEU A 429 3.70 -33.93 12.14
C LEU A 429 2.58 -34.49 13.01
N ARG A 430 2.90 -35.51 13.81
CA ARG A 430 1.91 -36.16 14.66
C ARG A 430 1.42 -35.23 15.76
N LYS A 431 2.34 -34.42 16.29
CA LYS A 431 2.03 -33.51 17.39
C LYS A 431 1.12 -32.37 16.92
N LEU A 432 1.27 -31.98 15.66
CA LEU A 432 0.47 -30.89 15.10
C LEU A 432 -0.92 -31.37 14.71
N ASP A 433 -1.01 -32.63 14.28
CA ASP A 433 -2.28 -33.26 13.89
C ASP A 433 -3.05 -32.40 12.89
N ILE A 434 -2.62 -32.45 11.63
CA ILE A 434 -3.19 -31.58 10.59
C ILE A 434 -4.06 -32.39 9.63
N LYS A 435 -5.36 -32.11 9.61
CA LYS A 435 -6.29 -32.92 8.84
C LYS A 435 -7.34 -32.15 8.03
N ASN A 436 -7.29 -30.82 8.08
CA ASN A 436 -8.18 -30.00 7.25
C ASN A 436 -7.67 -28.57 7.10
N GLU A 437 -8.40 -27.77 6.32
CA GLU A 437 -7.98 -26.40 6.04
C GLU A 437 -8.09 -25.52 7.28
N ASP A 438 -8.99 -25.89 8.19
CA ASP A 438 -9.14 -25.18 9.45
C ASP A 438 -7.89 -25.31 10.29
N ASP A 439 -7.31 -26.52 10.30
CA ASP A 439 -6.08 -26.79 11.04
C ASP A 439 -4.89 -26.04 10.43
N VAL A 440 -4.88 -25.91 9.11
CA VAL A 440 -3.80 -25.25 8.40
C VAL A 440 -3.75 -23.76 8.76
N LYS A 441 -4.92 -23.16 8.92
CA LYS A 441 -5.01 -21.75 9.32
C LYS A 441 -4.44 -21.54 10.72
N SER A 442 -4.56 -22.57 11.56
CA SER A 442 -4.07 -22.49 12.93
C SER A 442 -2.55 -22.55 13.01
N LEU A 443 -1.93 -23.07 11.94
CA LEU A 443 -0.50 -23.30 11.92
C LEU A 443 0.33 -22.02 11.97
N SER A 444 -0.27 -20.93 11.49
CA SER A 444 0.44 -19.64 11.35
C SER A 444 1.12 -19.18 12.64
N ARG A 445 0.43 -19.36 13.77
CA ARG A 445 0.96 -18.95 15.06
C ARG A 445 2.16 -19.82 15.48
N VAL A 446 1.97 -21.14 15.39
CA VAL A 446 3.02 -22.08 15.75
C VAL A 446 4.23 -21.92 14.84
N MET A 447 3.96 -21.72 13.56
CA MET A 447 5.00 -21.56 12.56
C MET A 447 5.86 -20.33 12.84
N ILE A 448 5.20 -19.21 13.12
CA ILE A 448 5.89 -17.96 13.39
C ILE A 448 6.71 -18.02 14.68
N HIS A 449 6.17 -18.70 15.68
CA HIS A 449 6.84 -18.83 16.97
C HIS A 449 8.18 -19.52 16.85
N VAL A 450 8.20 -20.66 16.15
CA VAL A 450 9.41 -21.45 16.00
C VAL A 450 10.42 -20.78 15.04
N PHE A 451 9.91 -20.24 13.94
CA PHE A 451 10.78 -19.70 12.90
C PHE A 451 11.47 -18.39 13.30
N SER A 452 10.71 -17.45 13.85
CA SER A 452 11.25 -16.14 14.18
C SER A 452 12.19 -16.19 15.39
N ASP A 453 12.11 -17.26 16.16
CA ASP A 453 12.99 -17.44 17.31
C ASP A 453 14.37 -17.93 16.85
N GLY A 454 15.42 -17.23 17.28
CA GLY A 454 16.77 -17.62 16.98
C GLY A 454 17.39 -16.89 15.80
N VAL A 455 18.49 -17.44 15.29
CA VAL A 455 19.25 -16.80 14.22
C VAL A 455 18.55 -16.93 12.86
N THR A 456 19.13 -16.27 11.86
CA THR A 456 18.55 -16.25 10.53
C THR A 456 19.57 -16.72 9.48
N ASN A 457 19.19 -17.71 8.69
CA ASN A 457 20.04 -18.22 7.61
C ASN A 457 19.21 -19.02 6.62
N TRP A 458 19.79 -19.33 5.46
CA TRP A 458 19.10 -20.08 4.43
C TRP A 458 18.75 -21.49 4.88
N GLY A 459 19.54 -22.03 5.80
CA GLY A 459 19.31 -23.38 6.32
C GLY A 459 17.96 -23.53 7.00
N ARG A 460 17.61 -22.56 7.84
CA ARG A 460 16.33 -22.59 8.54
C ARG A 460 15.18 -22.36 7.58
N ILE A 461 15.41 -21.58 6.53
CA ILE A 461 14.41 -21.33 5.51
C ILE A 461 14.12 -22.60 4.72
N VAL A 462 15.17 -23.37 4.45
CA VAL A 462 15.02 -24.67 3.80
C VAL A 462 14.22 -25.61 4.70
N THR A 463 14.54 -25.65 5.98
CA THR A 463 13.81 -26.47 6.95
C THR A 463 12.34 -26.09 6.98
N LEU A 464 12.07 -24.79 6.97
CA LEU A 464 10.72 -24.26 6.93
C LEU A 464 9.94 -24.84 5.76
N ILE A 465 10.51 -24.73 4.56
CA ILE A 465 9.84 -25.15 3.34
C ILE A 465 9.80 -26.66 3.21
N SER A 466 10.88 -27.33 3.66
CA SER A 466 10.96 -28.79 3.55
C SER A 466 9.92 -29.49 4.41
N PHE A 467 9.70 -28.98 5.63
CA PHE A 467 8.66 -29.53 6.48
C PHE A 467 7.29 -29.20 5.92
N GLY A 468 7.21 -28.08 5.21
CA GLY A 468 5.98 -27.70 4.53
C GLY A 468 5.65 -28.72 3.45
N ALA A 469 6.68 -29.18 2.76
CA ALA A 469 6.53 -30.21 1.74
C ALA A 469 6.19 -31.54 2.41
N PHE A 470 6.77 -31.76 3.58
CA PHE A 470 6.53 -32.98 4.35
C PHE A 470 5.06 -33.05 4.77
N VAL A 471 4.53 -31.92 5.21
CA VAL A 471 3.12 -31.82 5.57
C VAL A 471 2.24 -31.96 4.32
N ALA A 472 2.72 -31.41 3.21
CA ALA A 472 1.97 -31.42 1.96
C ALA A 472 1.77 -32.85 1.45
N LYS A 473 2.77 -33.69 1.64
CA LYS A 473 2.65 -35.10 1.26
C LYS A 473 1.63 -35.81 2.14
N HIS A 474 1.60 -35.41 3.41
CA HIS A 474 0.62 -35.97 4.35
C HIS A 474 -0.79 -35.52 3.98
N LEU A 475 -0.93 -34.25 3.64
CA LEU A 475 -2.23 -33.69 3.26
C LEU A 475 -2.79 -34.39 2.02
N LYS A 476 -1.93 -34.60 1.02
CA LYS A 476 -2.32 -35.30 -0.20
C LYS A 476 -2.73 -36.73 0.11
N THR A 477 -1.95 -37.40 0.94
CA THR A 477 -2.18 -38.79 1.28
C THR A 477 -3.56 -39.00 1.92
N ILE A 478 -3.96 -38.07 2.77
CA ILE A 478 -5.26 -38.16 3.46
C ILE A 478 -6.37 -37.43 2.70
N ASN A 479 -6.17 -37.26 1.40
CA ASN A 479 -7.18 -36.67 0.52
C ASN A 479 -7.52 -35.23 0.93
N GLN A 480 -6.50 -34.49 1.35
CA GLN A 480 -6.67 -33.09 1.70
C GLN A 480 -5.75 -32.22 0.84
N GLU A 481 -5.72 -32.53 -0.46
CA GLU A 481 -4.83 -31.87 -1.41
C GLU A 481 -5.22 -30.40 -1.61
N SER A 482 -6.47 -30.08 -1.30
CA SER A 482 -6.95 -28.71 -1.44
C SER A 482 -6.38 -27.78 -0.36
N CYS A 483 -5.70 -28.37 0.63
CA CYS A 483 -5.14 -27.61 1.73
C CYS A 483 -3.68 -27.25 1.48
N ILE A 484 -3.12 -27.77 0.40
CA ILE A 484 -1.70 -27.59 0.11
C ILE A 484 -1.38 -26.15 -0.28
N GLU A 485 -2.19 -25.57 -1.17
CA GLU A 485 -1.98 -24.18 -1.58
C GLU A 485 -2.20 -23.17 -0.44
N PRO A 486 -3.26 -23.36 0.39
CA PRO A 486 -3.33 -22.50 1.58
C PRO A 486 -2.11 -22.62 2.48
N LEU A 487 -1.58 -23.83 2.61
CA LEU A 487 -0.37 -24.06 3.40
C LEU A 487 0.83 -23.34 2.79
N ALA A 488 0.92 -23.38 1.46
CA ALA A 488 2.00 -22.73 0.73
C ALA A 488 1.95 -21.22 0.92
N GLU A 489 0.74 -20.65 0.82
CA GLU A 489 0.56 -19.23 1.02
C GLU A 489 0.89 -18.83 2.44
N SER A 490 0.51 -19.68 3.40
CA SER A 490 0.78 -19.43 4.81
C SER A 490 2.28 -19.37 5.10
N ILE A 491 3.00 -20.39 4.63
CA ILE A 491 4.44 -20.46 4.80
C ILE A 491 5.13 -19.26 4.15
N THR A 492 4.70 -18.94 2.92
CA THR A 492 5.24 -17.81 2.19
C THR A 492 5.04 -16.50 2.95
N ASP A 493 3.82 -16.34 3.48
CA ASP A 493 3.50 -15.14 4.26
C ASP A 493 4.44 -14.98 5.44
N VAL A 494 4.61 -16.05 6.21
CA VAL A 494 5.50 -16.03 7.37
C VAL A 494 6.92 -15.68 6.97
N LEU A 495 7.42 -16.33 5.93
CA LEU A 495 8.78 -16.12 5.46
C LEU A 495 9.08 -14.66 5.11
N VAL A 496 8.28 -14.10 4.20
CA VAL A 496 8.54 -12.75 3.71
C VAL A 496 8.16 -11.66 4.72
N ARG A 497 7.30 -12.00 5.67
CA ARG A 497 6.93 -11.05 6.72
C ARG A 497 8.04 -10.93 7.75
N THR A 498 8.61 -12.07 8.13
CA THR A 498 9.57 -12.13 9.23
C THR A 498 11.01 -11.84 8.77
N LYS A 499 11.34 -12.24 7.55
CA LYS A 499 12.71 -12.11 7.06
C LYS A 499 12.82 -11.16 5.86
N ARG A 500 11.89 -10.22 5.77
CA ARG A 500 11.83 -9.27 4.67
C ARG A 500 13.16 -8.55 4.40
N ASP A 501 13.67 -7.88 5.42
CA ASP A 501 14.89 -7.09 5.28
C ASP A 501 16.11 -7.97 5.03
N TRP A 502 16.13 -9.14 5.66
CA TRP A 502 17.24 -10.08 5.49
C TRP A 502 17.28 -10.60 4.06
N LEU A 503 16.13 -11.06 3.56
CA LEU A 503 16.03 -11.62 2.21
C LEU A 503 16.46 -10.61 1.13
N VAL A 504 16.02 -9.37 1.28
CA VAL A 504 16.38 -8.31 0.34
C VAL A 504 17.88 -8.07 0.36
N LYS A 505 18.46 -8.08 1.56
CA LYS A 505 19.91 -7.88 1.71
C LYS A 505 20.70 -9.04 1.12
N GLN A 506 20.06 -10.19 0.96
CA GLN A 506 20.70 -11.36 0.36
C GLN A 506 20.43 -11.44 -1.14
N ARG A 507 19.89 -10.36 -1.70
CA ARG A 507 19.50 -10.30 -3.10
C ARG A 507 18.45 -11.37 -3.42
N GLY A 508 17.58 -11.63 -2.46
CA GLY A 508 16.45 -12.52 -2.66
C GLY A 508 16.82 -13.97 -2.93
N TRP A 509 16.07 -14.57 -3.85
CA TRP A 509 16.24 -15.98 -4.16
C TRP A 509 17.46 -16.26 -5.05
N ASP A 510 18.03 -15.21 -5.62
CA ASP A 510 19.30 -15.35 -6.32
C ASP A 510 20.41 -15.67 -5.31
N GLY A 511 20.30 -15.09 -4.12
CA GLY A 511 21.26 -15.36 -3.06
C GLY A 511 21.18 -16.80 -2.60
N PHE A 512 19.95 -17.32 -2.54
CA PHE A 512 19.71 -18.71 -2.17
C PHE A 512 20.38 -19.66 -3.13
N VAL A 513 20.28 -19.36 -4.42
CA VAL A 513 20.88 -20.18 -5.47
C VAL A 513 22.40 -20.18 -5.40
N GLU A 514 22.97 -18.99 -5.19
CA GLU A 514 24.42 -18.84 -5.12
C GLU A 514 24.98 -19.51 -3.86
N PHE A 515 24.21 -19.44 -2.77
CA PHE A 515 24.66 -19.96 -1.49
C PHE A 515 24.85 -21.48 -1.52
N PHE A 516 23.96 -22.19 -2.22
CA PHE A 516 24.01 -23.65 -2.28
C PHE A 516 24.52 -24.18 -3.61
N HIS A 517 25.20 -23.34 -4.37
CA HIS A 517 25.64 -23.72 -5.72
C HIS A 517 26.54 -24.94 -5.72
#